data_4C0T
#
_entry.id   4C0T
#
_cell.length_a   100.210
_cell.length_b   100.210
_cell.length_c   60.060
_cell.angle_alpha   90.00
_cell.angle_beta   90.00
_cell.angle_gamma   90.00
#
_symmetry.space_group_name_H-M   'P 42 21 2'
#
_entity_poly.entity_id   1
_entity_poly.type   'polypeptide(L)'
_entity_poly.pdbx_seq_one_letter_code
;MSYYHHHHHHDYDIPTTENLYFQGAMGSMHKFRYSLHQHYSKRNSSDKSKDSPISQNSNEENDSTKLSSSSLQDLHDDLD
DIYNNYTLAQGTNNNSVDTLDSENNQAINKFIDKPPAIHGMEPQLPVMHVSSRLSSLGNTTNETGESIAKSAPGTPLSSH
SFDFRPHHPRAVTNSSLNVLLDTPNVSSEFNHLVDQTPPNESVERFDDSNNTVDNTEEEENNDDTDEIPKSETLKQNEEN
WEKKGAAVKTIKTMDGEMKTIRRNVTDFKFGKELGEGSYSTVILATDKITGKQYAVKVLDKRHIIKEKKVKYVNIEKHAL
NRLSNRLGVISLYFTFQDKDSLYFVLDYASNGELLTLIKRYNTLNEECTRHFGAQILDAIKYMHDNGVIHRDLKPENILL
DDKMRIQITDFGTARLLEKKNDESEEYPVDVRAK(SEP)FVGTAEYVSPELLENKYCGKPGDVWAFGCIIYQMIAGKPPF
KATNEYLTFQKITKLQFAFSAGFPTIIRDLIKKILVLQPSRRATIPEIQKHYFFQSVDFKDFDSIWLSDPPEIGPYKMTA
KSMMKVPELNKAPITTVIKKNVKKSTNSNSNTNNVATAVGGSSSNGHKGSSPTPEKEPSPATINNKSTEKVSAASVAAYV
LNKPATNQNSSTSEDSSKRSSNSNETRKLSYSQQDYIPGTNILRPQISTRPSVGSYVKTTPSKDRKTLTKVPSNIHQQQE
KVKPKVMEVKPATTLEAAWEPYLTHPDERILRIGPVIAHKEPTEPFEKKNKASLHISPLDINKEQRSRSNTSLLTQIVNE
VNNNTSELKKVENADESLAIIEPQYNMKRSPTSDSKKSMDIERSASTSGSRISKKAIFKKLGFSHLEKNDSEESNGPSLT
EKPQTCTLVVTTHGRALLFIRNDIESNYLLIAEIKLKYPFIHFQELVISQTKFSKLVPSVGVFVISSIDNSLIFEVEKFE
VNQWTEALAKSKYNEIHM
;
_entity_poly.pdbx_strand_id   A
#
# COMPACT_ATOMS: atom_id res chain seq x y z
N ILE A 261 32.81 -18.27 -3.81
CA ILE A 261 32.02 -18.88 -2.75
C ILE A 261 30.53 -18.60 -2.94
N ARG A 262 29.79 -18.55 -1.84
CA ARG A 262 28.35 -18.30 -1.88
C ARG A 262 27.98 -17.11 -0.98
N ARG A 263 26.70 -16.76 -1.00
CA ARG A 263 26.19 -15.63 -0.22
C ARG A 263 25.49 -16.11 1.05
N ASN A 264 25.81 -15.48 2.17
CA ASN A 264 25.18 -15.82 3.45
C ASN A 264 24.95 -14.61 4.36
N VAL A 265 24.42 -14.85 5.55
CA VAL A 265 24.05 -13.77 6.47
C VAL A 265 25.25 -12.94 6.93
N THR A 266 26.41 -13.60 7.04
CA THR A 266 27.62 -12.94 7.51
C THR A 266 28.16 -11.90 6.54
N ASP A 267 27.59 -11.85 5.34
CA ASP A 267 28.01 -10.88 4.33
C ASP A 267 27.28 -9.55 4.49
N PHE A 268 26.48 -9.43 5.55
CA PHE A 268 25.63 -8.25 5.73
C PHE A 268 26.12 -7.28 6.80
N LYS A 269 25.74 -6.02 6.64
CA LYS A 269 26.07 -4.97 7.60
C LYS A 269 24.79 -4.29 8.07
N PHE A 270 24.34 -4.63 9.27
CA PHE A 270 23.13 -4.07 9.81
C PHE A 270 23.39 -2.69 10.41
N GLY A 271 22.54 -1.73 10.07
CA GLY A 271 22.74 -0.35 10.52
C GLY A 271 21.60 0.21 11.34
N LYS A 272 21.05 1.33 10.90
CA LYS A 272 20.00 2.03 11.63
C LYS A 272 18.69 1.26 11.65
N GLU A 273 17.87 1.52 12.67
CA GLU A 273 16.53 0.96 12.74
C GLU A 273 15.59 1.83 11.91
N LEU A 274 14.83 1.19 11.02
CA LEU A 274 13.95 1.91 10.11
C LEU A 274 12.54 2.07 10.66
N GLY A 275 12.35 1.65 11.91
CA GLY A 275 11.05 1.74 12.55
C GLY A 275 10.64 0.45 13.22
N GLU A 276 10.31 0.54 14.51
CA GLU A 276 9.88 -0.62 15.28
C GLU A 276 8.39 -0.88 15.09
N GLY A 277 7.89 -1.93 15.75
CA GLY A 277 6.49 -2.27 15.68
C GLY A 277 6.00 -2.92 16.97
N SER A 278 4.76 -3.38 16.97
CA SER A 278 4.19 -4.01 18.15
C SER A 278 4.56 -5.49 18.20
N TYR A 279 5.21 -5.96 17.15
CA TYR A 279 5.62 -7.36 17.05
C TYR A 279 6.76 -7.54 16.05
N SER A 280 7.09 -6.46 15.34
CA SER A 280 8.15 -6.50 14.34
C SER A 280 9.14 -5.35 14.51
N THR A 281 10.25 -5.42 13.78
CA THR A 281 11.26 -4.36 13.82
C THR A 281 12.09 -4.38 12.54
N VAL A 282 12.04 -3.29 11.79
CA VAL A 282 12.77 -3.19 10.53
C VAL A 282 14.16 -2.59 10.76
N ILE A 283 15.20 -3.30 10.32
CA ILE A 283 16.56 -2.83 10.49
C ILE A 283 17.30 -2.82 9.14
N LEU A 284 17.90 -1.68 8.82
CA LEU A 284 18.62 -1.51 7.55
C LEU A 284 19.85 -2.41 7.47
N ALA A 285 19.90 -3.24 6.43
CA ALA A 285 21.04 -4.11 6.20
C ALA A 285 21.70 -3.79 4.87
N THR A 286 23.01 -3.99 4.79
CA THR A 286 23.75 -3.69 3.57
C THR A 286 24.73 -4.82 3.22
N ASP A 287 24.65 -5.29 1.99
CA ASP A 287 25.57 -6.32 1.51
C ASP A 287 26.97 -5.73 1.39
N LYS A 288 27.93 -6.32 2.09
CA LYS A 288 29.29 -5.81 2.11
C LYS A 288 29.99 -5.98 0.75
N ILE A 289 29.49 -6.91 -0.05
CA ILE A 289 30.13 -7.22 -1.33
C ILE A 289 29.54 -6.39 -2.48
N THR A 290 28.22 -6.38 -2.59
CA THR A 290 27.55 -5.69 -3.68
C THR A 290 27.21 -4.24 -3.32
N GLY A 291 26.92 -3.99 -2.05
CA GLY A 291 26.53 -2.67 -1.61
C GLY A 291 25.03 -2.49 -1.64
N LYS A 292 24.32 -3.50 -2.14
CA LYS A 292 22.87 -3.47 -2.23
C LYS A 292 22.23 -3.39 -0.84
N GLN A 293 21.40 -2.37 -0.63
CA GLN A 293 20.74 -2.16 0.65
C GLN A 293 19.41 -2.89 0.75
N TYR A 294 19.19 -3.55 1.88
CA TYR A 294 17.94 -4.27 2.11
C TYR A 294 17.27 -3.80 3.40
N ALA A 295 16.07 -4.29 3.65
CA ALA A 295 15.37 -3.99 4.88
C ALA A 295 14.97 -5.28 5.59
N VAL A 296 15.71 -5.63 6.64
CA VAL A 296 15.44 -6.85 7.39
C VAL A 296 14.36 -6.62 8.45
N LYS A 297 13.27 -7.36 8.33
CA LYS A 297 12.15 -7.25 9.26
C LYS A 297 12.24 -8.35 10.31
N VAL A 298 12.61 -7.97 11.54
CA VAL A 298 12.77 -8.93 12.62
C VAL A 298 11.49 -9.08 13.43
N LEU A 299 10.94 -10.29 13.44
CA LEU A 299 9.71 -10.56 14.18
C LEU A 299 9.95 -11.51 15.36
N ASP A 300 9.54 -11.08 16.55
CA ASP A 300 9.65 -11.93 17.74
C ASP A 300 8.52 -12.94 17.74
N LYS A 301 8.88 -14.22 17.78
CA LYS A 301 7.90 -15.31 17.66
C LYS A 301 6.89 -15.35 18.82
N ARG A 302 7.38 -15.14 20.05
CA ARG A 302 6.50 -15.19 21.21
C ARG A 302 5.45 -14.08 21.16
N HIS A 303 5.83 -12.94 20.60
CA HIS A 303 4.91 -11.81 20.46
C HIS A 303 3.79 -12.09 19.46
N ILE A 304 4.09 -12.87 18.43
CA ILE A 304 3.09 -13.21 17.42
C ILE A 304 2.29 -14.44 17.83
N ILE A 305 2.81 -15.20 18.79
CA ILE A 305 2.10 -16.36 19.33
C ILE A 305 1.09 -15.91 20.37
N LYS A 306 1.51 -14.99 21.24
CA LYS A 306 0.67 -14.50 22.32
C LYS A 306 -0.59 -13.80 21.81
N GLU A 307 -0.50 -13.21 20.62
CA GLU A 307 -1.61 -12.47 20.04
C GLU A 307 -2.19 -13.20 18.84
N LYS A 308 -1.60 -14.34 18.50
CA LYS A 308 -2.01 -15.13 17.34
C LYS A 308 -2.04 -14.31 16.06
N LYS A 309 -0.87 -13.86 15.63
CA LYS A 309 -0.75 -13.11 14.39
C LYS A 309 -0.02 -13.97 13.35
N VAL A 310 0.03 -15.27 13.63
CA VAL A 310 0.67 -16.24 12.75
C VAL A 310 -0.03 -16.25 11.38
N LYS A 311 -1.34 -16.01 11.41
CA LYS A 311 -2.11 -15.91 10.18
C LYS A 311 -1.73 -14.67 9.38
N TYR A 312 -1.44 -13.58 10.07
CA TYR A 312 -0.97 -12.36 9.42
C TYR A 312 0.39 -12.60 8.78
N VAL A 313 1.27 -13.25 9.53
CA VAL A 313 2.61 -13.57 9.04
C VAL A 313 2.56 -14.47 7.81
N ASN A 314 1.70 -15.48 7.85
CA ASN A 314 1.56 -16.41 6.74
C ASN A 314 0.86 -15.80 5.52
N ILE A 315 -0.07 -14.89 5.75
CA ILE A 315 -0.72 -14.17 4.65
C ILE A 315 0.29 -13.25 3.97
N GLU A 316 1.11 -12.58 4.78
CA GLU A 316 2.16 -11.70 4.26
C GLU A 316 3.19 -12.50 3.45
N LYS A 317 3.65 -13.61 4.03
CA LYS A 317 4.62 -14.49 3.37
C LYS A 317 4.06 -15.06 2.07
N HIS A 318 2.80 -15.45 2.10
CA HIS A 318 2.14 -16.04 0.93
C HIS A 318 1.96 -14.99 -0.17
N ALA A 319 1.61 -13.77 0.23
CA ALA A 319 1.46 -12.68 -0.72
C ALA A 319 2.80 -12.32 -1.35
N LEU A 320 3.86 -12.38 -0.53
CA LEU A 320 5.21 -12.11 -1.02
C LEU A 320 5.69 -13.21 -1.95
N ASN A 321 5.22 -14.44 -1.72
CA ASN A 321 5.56 -15.56 -2.59
C ASN A 321 4.78 -15.48 -3.90
N ARG A 322 3.58 -14.92 -3.83
CA ARG A 322 2.76 -14.68 -5.02
C ARG A 322 3.34 -13.53 -5.84
N LEU A 323 3.39 -12.35 -5.23
CA LEU A 323 3.99 -11.18 -5.86
C LEU A 323 5.50 -11.33 -5.88
N SER A 324 6.04 -11.77 -7.01
CA SER A 324 7.48 -11.96 -7.15
C SER A 324 8.21 -10.62 -7.24
N ASN A 325 9.39 -10.63 -7.84
CA ASN A 325 10.20 -9.43 -7.91
C ASN A 325 9.78 -8.48 -9.04
N ARG A 326 8.75 -7.68 -8.78
CA ARG A 326 8.35 -6.64 -9.71
C ARG A 326 8.65 -5.27 -9.10
N LEU A 327 8.46 -4.21 -9.88
CA LEU A 327 8.83 -2.87 -9.46
C LEU A 327 7.81 -2.18 -8.56
N GLY A 328 6.57 -2.65 -8.62
CA GLY A 328 5.48 -2.00 -7.89
C GLY A 328 5.35 -2.34 -6.42
N VAL A 329 5.98 -3.42 -5.99
CA VAL A 329 5.83 -3.88 -4.61
C VAL A 329 7.16 -4.27 -3.95
N ILE A 330 7.16 -4.34 -2.62
CA ILE A 330 8.29 -4.86 -1.87
C ILE A 330 8.43 -6.35 -2.14
N SER A 331 9.66 -6.82 -2.34
CA SER A 331 9.90 -8.23 -2.65
C SER A 331 10.73 -8.90 -1.56
N LEU A 332 10.39 -10.16 -1.27
CA LEU A 332 11.12 -10.94 -0.28
C LEU A 332 12.18 -11.80 -0.93
N TYR A 333 13.44 -11.38 -0.79
CA TYR A 333 14.56 -12.08 -1.41
C TYR A 333 14.78 -13.45 -0.77
N PHE A 334 15.12 -13.45 0.51
CA PHE A 334 15.31 -14.69 1.25
C PHE A 334 14.92 -14.52 2.71
N THR A 335 14.89 -15.63 3.45
CA THR A 335 14.51 -15.60 4.86
C THR A 335 15.43 -16.47 5.70
N PHE A 336 15.57 -16.09 6.97
CA PHE A 336 16.32 -16.89 7.94
C PHE A 336 15.75 -16.68 9.33
N GLN A 337 16.13 -17.55 10.27
CA GLN A 337 15.59 -17.49 11.62
C GLN A 337 16.47 -18.22 12.62
N ASP A 338 16.35 -17.86 13.89
CA ASP A 338 17.05 -18.56 14.95
C ASP A 338 16.10 -19.41 15.78
N LYS A 339 15.90 -19.03 17.04
CA LYS A 339 15.02 -19.77 17.93
C LYS A 339 13.96 -18.83 18.52
N ASP A 340 14.29 -17.55 18.62
CA ASP A 340 13.38 -16.57 19.21
C ASP A 340 12.78 -15.63 18.16
N SER A 341 13.47 -15.48 17.03
CA SER A 341 13.06 -14.50 16.02
C SER A 341 13.03 -15.07 14.59
N LEU A 342 12.25 -14.41 13.74
CA LEU A 342 12.19 -14.74 12.32
C LEU A 342 12.53 -13.50 11.51
N TYR A 343 13.33 -13.67 10.46
CA TYR A 343 13.86 -12.53 9.73
C TYR A 343 13.39 -12.47 8.28
N PHE A 344 12.87 -11.32 7.87
CA PHE A 344 12.43 -11.10 6.50
C PHE A 344 13.34 -10.10 5.79
N VAL A 345 14.15 -10.58 4.86
CA VAL A 345 15.01 -9.70 4.07
C VAL A 345 14.24 -9.16 2.87
N LEU A 346 13.87 -7.89 2.94
CA LEU A 346 13.02 -7.27 1.93
C LEU A 346 13.73 -6.17 1.16
N ASP A 347 12.97 -5.39 0.40
CA ASP A 347 13.50 -4.26 -0.34
C ASP A 347 13.67 -3.05 0.55
N TYR A 348 14.62 -2.20 0.21
CA TYR A 348 14.83 -0.96 0.96
C TYR A 348 14.41 0.27 0.15
N ALA A 349 13.37 0.94 0.64
CA ALA A 349 12.89 2.17 0.00
C ALA A 349 13.59 3.37 0.63
N SER A 350 14.48 4.00 -0.13
CA SER A 350 15.32 5.07 0.39
C SER A 350 14.55 6.34 0.74
N ASN A 351 13.54 6.66 -0.06
CA ASN A 351 12.84 7.93 0.09
C ASN A 351 11.57 7.91 0.94
N GLY A 352 11.55 7.02 1.93
CA GLY A 352 10.47 6.99 2.91
C GLY A 352 9.08 6.74 2.34
N GLU A 353 8.07 7.20 3.08
CA GLU A 353 6.68 6.96 2.72
C GLU A 353 6.15 7.99 1.72
N LEU A 354 5.01 7.66 1.10
CA LEU A 354 4.33 8.60 0.21
C LEU A 354 3.68 9.71 1.01
N LEU A 355 3.28 9.39 2.24
CA LEU A 355 2.65 10.36 3.13
C LEU A 355 3.60 11.51 3.45
N THR A 356 4.88 11.20 3.56
CA THR A 356 5.90 12.20 3.82
C THR A 356 6.11 13.07 2.58
N LEU A 357 6.00 12.46 1.40
CA LEU A 357 6.12 13.20 0.14
C LEU A 357 4.95 14.16 -0.01
N ILE A 358 3.77 13.72 0.40
CA ILE A 358 2.58 14.55 0.36
C ILE A 358 2.70 15.68 1.38
N LYS A 359 3.22 15.36 2.56
CA LYS A 359 3.35 16.35 3.63
C LYS A 359 4.57 17.24 3.45
N ARG A 360 5.34 16.98 2.39
CA ARG A 360 6.49 17.81 2.06
C ARG A 360 6.02 19.21 1.66
N TYR A 361 5.12 19.27 0.68
CA TYR A 361 4.54 20.52 0.25
C TYR A 361 3.05 20.57 0.55
N ASN A 362 2.64 19.85 1.61
CA ASN A 362 1.22 19.73 1.99
C ASN A 362 0.36 19.07 0.90
N THR A 363 0.42 19.60 -0.31
CA THR A 363 -0.29 19.02 -1.44
C THR A 363 0.70 18.68 -2.57
N LEU A 364 0.18 18.09 -3.64
CA LEU A 364 0.98 17.79 -4.82
C LEU A 364 0.33 18.43 -6.05
N ASN A 365 1.12 18.60 -7.11
CA ASN A 365 0.58 19.10 -8.37
C ASN A 365 -0.14 17.99 -9.13
N GLU A 366 -0.78 18.37 -10.23
CA GLU A 366 -1.60 17.43 -11.00
C GLU A 366 -0.75 16.43 -11.77
N GLU A 367 0.39 16.89 -12.29
CA GLU A 367 1.28 16.05 -13.07
C GLU A 367 1.87 14.91 -12.25
N CYS A 368 2.42 15.26 -11.08
CA CYS A 368 2.97 14.26 -10.18
C CYS A 368 1.90 13.29 -9.69
N THR A 369 0.72 13.83 -9.42
CA THR A 369 -0.42 13.01 -9.00
C THR A 369 -0.79 12.00 -10.08
N ARG A 370 -0.71 12.43 -11.34
CA ARG A 370 -0.99 11.54 -12.47
C ARG A 370 0.10 10.48 -12.61
N HIS A 371 1.35 10.90 -12.38
CA HIS A 371 2.51 10.00 -12.47
C HIS A 371 2.43 8.90 -11.42
N PHE A 372 2.60 9.28 -10.16
CA PHE A 372 2.57 8.34 -9.05
C PHE A 372 1.23 7.64 -8.96
N GLY A 373 0.17 8.29 -9.43
CA GLY A 373 -1.14 7.68 -9.48
C GLY A 373 -1.20 6.53 -10.46
N ALA A 374 -0.62 6.74 -11.64
CA ALA A 374 -0.51 5.68 -12.64
C ALA A 374 0.33 4.54 -12.10
N GLN A 375 1.40 4.89 -11.38
CA GLN A 375 2.26 3.89 -10.74
C GLN A 375 1.47 3.02 -9.76
N ILE A 376 0.78 3.68 -8.83
CA ILE A 376 -0.02 3.00 -7.82
C ILE A 376 -1.09 2.11 -8.46
N LEU A 377 -1.80 2.66 -9.44
CA LEU A 377 -2.83 1.91 -10.14
C LEU A 377 -2.25 0.67 -10.81
N ASP A 378 -1.04 0.82 -11.36
CA ASP A 378 -0.35 -0.30 -11.99
C ASP A 378 -0.02 -1.38 -10.96
N ALA A 379 0.47 -0.94 -9.81
CA ALA A 379 0.79 -1.86 -8.71
C ALA A 379 -0.43 -2.64 -8.26
N ILE A 380 -1.52 -1.93 -7.97
CA ILE A 380 -2.77 -2.55 -7.56
C ILE A 380 -3.28 -3.52 -8.63
N LYS A 381 -3.15 -3.12 -9.89
CA LYS A 381 -3.55 -3.96 -11.01
C LYS A 381 -2.77 -5.27 -10.99
N TYR A 382 -1.46 -5.18 -10.78
CA TYR A 382 -0.60 -6.35 -10.70
C TYR A 382 -0.99 -7.26 -9.54
N MET A 383 -1.23 -6.66 -8.38
CA MET A 383 -1.64 -7.39 -7.19
C MET A 383 -2.94 -8.16 -7.43
N HIS A 384 -3.92 -7.48 -8.02
CA HIS A 384 -5.21 -8.10 -8.32
C HIS A 384 -5.06 -9.20 -9.37
N ASP A 385 -4.13 -9.01 -10.30
CA ASP A 385 -3.84 -10.01 -11.32
C ASP A 385 -3.29 -11.28 -10.68
N ASN A 386 -2.35 -11.12 -9.75
CA ASN A 386 -1.75 -12.27 -9.07
C ASN A 386 -2.59 -12.80 -7.92
N GLY A 387 -3.81 -12.29 -7.79
CA GLY A 387 -4.75 -12.79 -6.82
C GLY A 387 -4.51 -12.28 -5.40
N VAL A 388 -4.01 -11.06 -5.28
CA VAL A 388 -3.77 -10.46 -3.97
C VAL A 388 -4.57 -9.17 -3.80
N ILE A 389 -5.43 -9.15 -2.78
CA ILE A 389 -6.19 -7.94 -2.44
C ILE A 389 -5.70 -7.39 -1.10
N HIS A 390 -4.95 -6.29 -1.17
CA HIS A 390 -4.30 -5.70 0.00
C HIS A 390 -5.29 -5.30 1.10
N ARG A 391 -6.48 -4.86 0.70
CA ARG A 391 -7.50 -4.39 1.64
C ARG A 391 -7.08 -3.17 2.45
N ASP A 392 -5.98 -3.30 3.19
CA ASP A 392 -5.47 -2.19 3.98
C ASP A 392 -4.49 -1.33 3.16
N LEU A 393 -5.03 -0.37 2.43
CA LEU A 393 -4.21 0.54 1.63
C LEU A 393 -4.22 1.95 2.20
N LYS A 394 -3.03 2.52 2.37
CA LYS A 394 -2.90 3.88 2.90
C LYS A 394 -1.50 4.42 2.61
N PRO A 395 -1.35 5.76 2.58
CA PRO A 395 -0.06 6.39 2.32
C PRO A 395 1.04 5.99 3.31
N GLU A 396 0.67 5.37 4.42
CA GLU A 396 1.63 4.90 5.41
C GLU A 396 2.42 3.68 4.90
N ASN A 397 1.76 2.82 4.14
CA ASN A 397 2.42 1.63 3.59
C ASN A 397 2.72 1.72 2.09
N ILE A 398 2.75 2.95 1.57
CA ILE A 398 3.21 3.19 0.21
C ILE A 398 4.53 3.96 0.26
N LEU A 399 5.62 3.25 -0.02
CA LEU A 399 6.95 3.82 0.11
C LEU A 399 7.49 4.33 -1.24
N LEU A 400 8.69 4.91 -1.20
CA LEU A 400 9.33 5.43 -2.39
C LEU A 400 10.80 5.02 -2.41
N ASP A 401 11.23 4.34 -3.47
CA ASP A 401 12.60 3.87 -3.57
C ASP A 401 13.60 5.02 -3.80
N ASP A 402 14.84 4.65 -4.11
CA ASP A 402 15.91 5.63 -4.26
C ASP A 402 15.71 6.52 -5.49
N LYS A 403 15.21 5.93 -6.57
CA LYS A 403 14.96 6.66 -7.80
C LYS A 403 13.55 7.23 -7.86
N MET A 404 12.95 7.39 -6.68
CA MET A 404 11.63 7.99 -6.53
C MET A 404 10.53 7.23 -7.27
N ARG A 405 10.25 6.01 -6.82
CA ARG A 405 9.17 5.21 -7.39
C ARG A 405 8.41 4.50 -6.27
N ILE A 406 7.08 4.44 -6.40
CA ILE A 406 6.25 3.92 -5.33
C ILE A 406 6.35 2.41 -5.17
N GLN A 407 6.17 1.94 -3.93
CA GLN A 407 6.11 0.51 -3.63
C GLN A 407 5.06 0.27 -2.54
N ILE A 408 4.60 -0.97 -2.42
CA ILE A 408 3.57 -1.30 -1.44
C ILE A 408 4.06 -2.36 -0.46
N THR A 409 3.87 -2.08 0.84
CA THR A 409 4.29 -3.01 1.89
C THR A 409 3.10 -3.42 2.75
N ASP A 410 3.39 -4.04 3.89
CA ASP A 410 2.38 -4.47 4.86
C ASP A 410 1.28 -5.35 4.25
N PHE A 411 1.69 -6.53 3.78
CA PHE A 411 0.77 -7.47 3.14
C PHE A 411 0.11 -8.40 4.15
N GLY A 412 0.02 -7.94 5.40
CA GLY A 412 -0.56 -8.75 6.47
C GLY A 412 -2.08 -8.85 6.41
N THR A 413 -2.71 -7.80 5.89
CA THR A 413 -4.16 -7.76 5.80
C THR A 413 -4.65 -8.21 4.42
N ALA A 414 -3.72 -8.70 3.61
CA ALA A 414 -4.02 -9.06 2.23
C ALA A 414 -5.00 -10.22 2.11
N ARG A 415 -5.58 -10.37 0.92
CA ARG A 415 -6.49 -11.48 0.63
C ARG A 415 -6.02 -12.25 -0.59
N LEU A 416 -6.12 -13.57 -0.53
CA LEU A 416 -5.70 -14.43 -1.63
C LEU A 416 -6.90 -15.05 -2.34
N LEU A 417 -6.72 -15.50 -3.58
CA LEU A 417 -7.85 -15.87 -4.41
C LEU A 417 -7.75 -17.18 -5.18
N GLU A 418 -7.11 -17.13 -6.35
CA GLU A 418 -7.25 -18.12 -7.43
C GLU A 418 -7.39 -19.60 -7.08
N LYS A 419 -6.71 -20.05 -6.02
CA LYS A 419 -6.70 -21.46 -5.64
C LYS A 419 -6.15 -22.36 -6.74
N LYS A 420 -5.28 -21.81 -7.58
CA LYS A 420 -4.72 -22.55 -8.72
C LYS A 420 -3.87 -23.71 -8.23
N ASN A 421 -2.83 -23.41 -7.46
CA ASN A 421 -2.03 -24.42 -6.79
C ASN A 421 -1.87 -24.07 -5.32
N ASP A 422 -2.06 -22.80 -5.01
CA ASP A 422 -2.08 -22.33 -3.63
C ASP A 422 -3.46 -21.77 -3.31
N GLU A 423 -4.06 -22.25 -2.22
CA GLU A 423 -5.47 -21.96 -1.93
C GLU A 423 -5.73 -20.53 -1.48
N SER A 424 -7.01 -20.21 -1.28
CA SER A 424 -7.44 -18.87 -0.91
C SER A 424 -7.47 -18.69 0.61
N GLU A 425 -7.15 -17.48 1.06
CA GLU A 425 -7.18 -17.17 2.48
C GLU A 425 -7.82 -15.80 2.73
N GLU A 426 -9.04 -15.80 3.23
CA GLU A 426 -9.73 -14.55 3.53
C GLU A 426 -10.22 -14.52 4.97
N TYR A 427 -9.57 -13.69 5.79
CA TYR A 427 -9.92 -13.57 7.20
C TYR A 427 -10.52 -12.18 7.47
N PRO A 428 -11.53 -12.12 8.35
CA PRO A 428 -12.28 -10.88 8.59
C PRO A 428 -11.41 -9.75 9.14
N VAL A 429 -11.75 -8.52 8.78
CA VAL A 429 -11.04 -7.35 9.27
C VAL A 429 -12.00 -6.47 10.08
N ASP A 430 -12.09 -6.74 11.37
CA ASP A 430 -12.94 -5.93 12.25
C ASP A 430 -12.25 -4.61 12.56
N VAL A 431 -12.65 -3.57 11.84
CA VAL A 431 -12.06 -2.25 11.99
C VAL A 431 -12.30 -1.69 13.39
N ARG A 432 -13.50 -1.90 13.91
CA ARG A 432 -13.88 -1.36 15.21
C ARG A 432 -13.27 -2.15 16.37
N ALA A 433 -12.60 -3.25 16.06
CA ALA A 433 -11.98 -4.08 17.08
C ALA A 433 -10.74 -3.42 17.71
N LYS A 434 -10.07 -4.15 18.58
CA LYS A 434 -8.91 -3.62 19.28
C LYS A 434 -7.64 -4.11 18.59
N SEP A 435 -7.76 -5.23 17.90
CA SEP A 435 -6.65 -5.80 17.15
CB SEP A 435 -6.99 -7.24 16.73
OG SEP A 435 -8.38 -7.49 16.85
C SEP A 435 -6.30 -4.97 15.93
O SEP A 435 -5.20 -5.06 15.39
P SEP A 435 -8.84 -8.63 15.83
O1P SEP A 435 -8.86 -8.06 14.32
O2P SEP A 435 -10.32 -9.13 16.22
O3P SEP A 435 -7.83 -9.89 15.92
N PHE A 436 -7.25 -4.14 15.49
CA PHE A 436 -7.02 -3.27 14.34
C PHE A 436 -6.12 -2.10 14.71
N VAL A 437 -4.99 -1.98 14.02
CA VAL A 437 -4.07 -0.87 14.21
C VAL A 437 -4.05 0.04 13.00
N GLY A 438 -4.35 1.33 13.21
CA GLY A 438 -4.39 2.28 12.13
C GLY A 438 -5.38 3.41 12.35
N THR A 439 -5.60 4.22 11.32
CA THR A 439 -6.50 5.37 11.42
C THR A 439 -7.88 5.06 10.87
N ALA A 440 -7.96 4.04 10.02
CA ALA A 440 -9.23 3.58 9.44
C ALA A 440 -9.96 4.65 8.62
N GLU A 441 -9.20 5.53 7.97
CA GLU A 441 -9.79 6.57 7.15
C GLU A 441 -9.89 6.12 5.70
N TYR A 442 -8.97 5.25 5.30
CA TYR A 442 -8.90 4.75 3.94
C TYR A 442 -9.58 3.38 3.84
N VAL A 443 -10.48 3.12 4.77
CA VAL A 443 -11.18 1.84 4.80
C VAL A 443 -12.49 1.91 4.01
N SER A 444 -12.69 0.90 3.16
CA SER A 444 -13.90 0.80 2.35
C SER A 444 -15.12 0.68 3.26
N PRO A 445 -16.27 1.18 2.79
CA PRO A 445 -17.50 1.09 3.60
C PRO A 445 -17.91 -0.36 3.85
N GLU A 446 -17.83 -1.20 2.81
CA GLU A 446 -18.21 -2.61 2.95
C GLU A 446 -17.26 -3.35 3.91
N LEU A 447 -15.99 -2.97 3.87
CA LEU A 447 -14.98 -3.57 4.75
C LEU A 447 -15.23 -3.17 6.20
N LEU A 448 -15.68 -1.93 6.38
CA LEU A 448 -16.03 -1.44 7.72
C LEU A 448 -17.27 -2.15 8.24
N GLU A 449 -18.26 -2.33 7.38
CA GLU A 449 -19.52 -2.93 7.78
C GLU A 449 -19.43 -4.44 7.96
N ASN A 450 -19.35 -5.18 6.85
CA ASN A 450 -19.42 -6.64 6.92
C ASN A 450 -18.07 -7.34 7.08
N LYS A 451 -17.06 -6.57 7.51
CA LYS A 451 -15.72 -7.11 7.82
C LYS A 451 -15.04 -7.86 6.67
N TYR A 452 -15.54 -7.66 5.46
CA TYR A 452 -14.94 -8.29 4.28
C TYR A 452 -14.83 -7.31 3.12
N CYS A 453 -13.87 -7.55 2.23
CA CYS A 453 -13.55 -6.61 1.17
C CYS A 453 -13.24 -7.33 -0.14
N GLY A 454 -13.40 -6.62 -1.25
CA GLY A 454 -13.08 -7.15 -2.56
C GLY A 454 -12.10 -6.26 -3.30
N LYS A 455 -11.95 -6.49 -4.61
CA LYS A 455 -11.07 -5.67 -5.44
C LYS A 455 -11.36 -4.16 -5.43
N PRO A 456 -12.65 -3.75 -5.49
CA PRO A 456 -12.90 -2.30 -5.49
C PRO A 456 -12.62 -1.62 -4.15
N GLY A 457 -12.21 -2.38 -3.14
CA GLY A 457 -11.82 -1.81 -1.86
C GLY A 457 -10.52 -1.05 -1.99
N ASP A 458 -9.55 -1.67 -2.64
CA ASP A 458 -8.27 -1.05 -2.90
C ASP A 458 -8.43 0.13 -3.87
N VAL A 459 -9.48 0.07 -4.68
CA VAL A 459 -9.82 1.16 -5.58
C VAL A 459 -10.36 2.35 -4.79
N TRP A 460 -11.23 2.05 -3.83
CA TRP A 460 -11.75 3.04 -2.90
C TRP A 460 -10.60 3.74 -2.19
N ALA A 461 -9.72 2.94 -1.60
CA ALA A 461 -8.55 3.44 -0.91
C ALA A 461 -7.67 4.27 -1.85
N PHE A 462 -7.59 3.85 -3.10
CA PHE A 462 -6.83 4.58 -4.12
C PHE A 462 -7.42 5.97 -4.32
N GLY A 463 -8.73 6.03 -4.40
CA GLY A 463 -9.43 7.30 -4.54
C GLY A 463 -9.16 8.21 -3.36
N CYS A 464 -9.22 7.64 -2.16
CA CYS A 464 -8.88 8.39 -0.95
C CYS A 464 -7.46 8.92 -1.03
N ILE A 465 -6.55 8.10 -1.54
CA ILE A 465 -5.13 8.45 -1.63
C ILE A 465 -4.85 9.59 -2.61
N ILE A 466 -5.43 9.53 -3.81
CA ILE A 466 -5.25 10.60 -4.77
C ILE A 466 -5.97 11.88 -4.34
N TYR A 467 -7.13 11.72 -3.70
CA TYR A 467 -7.85 12.85 -3.13
C TYR A 467 -6.95 13.54 -2.10
N GLN A 468 -6.22 12.74 -1.33
CA GLN A 468 -5.30 13.29 -0.35
C GLN A 468 -4.07 13.88 -1.04
N MET A 469 -3.75 13.37 -2.22
CA MET A 469 -2.60 13.85 -2.98
C MET A 469 -2.88 15.22 -3.57
N ILE A 470 -4.16 15.52 -3.81
CA ILE A 470 -4.53 16.85 -4.31
C ILE A 470 -4.86 17.81 -3.16
N ALA A 471 -5.78 17.40 -2.28
CA ALA A 471 -6.26 18.26 -1.20
C ALA A 471 -5.24 18.41 -0.07
N GLY A 472 -4.55 17.33 0.26
CA GLY A 472 -3.57 17.35 1.34
C GLY A 472 -4.05 16.59 2.56
N LYS A 473 -5.36 16.32 2.61
CA LYS A 473 -5.96 15.60 3.72
C LYS A 473 -6.95 14.56 3.21
N PRO A 474 -7.07 13.43 3.93
CA PRO A 474 -8.00 12.34 3.57
C PRO A 474 -9.43 12.83 3.41
N PRO A 475 -10.19 12.24 2.47
CA PRO A 475 -11.56 12.65 2.18
C PRO A 475 -12.50 12.51 3.36
N PHE A 476 -12.24 11.49 4.20
CA PHE A 476 -13.10 11.25 5.35
C PHE A 476 -12.34 11.47 6.65
N LYS A 477 -11.56 12.54 6.69
CA LYS A 477 -10.81 12.92 7.88
C LYS A 477 -11.75 13.53 8.93
N ALA A 478 -11.67 13.02 10.15
CA ALA A 478 -12.50 13.53 11.24
C ALA A 478 -11.70 13.63 12.54
N THR A 479 -12.34 14.17 13.57
CA THR A 479 -11.71 14.31 14.87
C THR A 479 -11.51 12.95 15.54
N ASN A 480 -12.61 12.21 15.68
CA ASN A 480 -12.56 10.88 16.30
C ASN A 480 -12.72 9.76 15.27
N GLU A 481 -13.42 8.69 15.65
CA GLU A 481 -13.70 7.60 14.74
C GLU A 481 -15.19 7.44 14.52
N TYR A 482 -15.99 8.04 15.40
CA TYR A 482 -17.44 8.02 15.24
C TYR A 482 -17.82 8.89 14.06
N LEU A 483 -17.29 10.11 14.02
CA LEU A 483 -17.53 11.01 12.91
C LEU A 483 -16.83 10.51 11.64
N THR A 484 -15.76 9.75 11.81
CA THR A 484 -15.06 9.15 10.68
C THR A 484 -15.94 8.10 10.01
N PHE A 485 -16.40 7.14 10.80
CA PHE A 485 -17.31 6.10 10.31
C PHE A 485 -18.59 6.72 9.77
N GLN A 486 -19.01 7.83 10.37
CA GLN A 486 -20.20 8.55 9.92
C GLN A 486 -19.95 9.12 8.53
N LYS A 487 -18.78 9.71 8.33
CA LYS A 487 -18.41 10.29 7.03
C LYS A 487 -18.29 9.21 5.96
N ILE A 488 -17.75 8.06 6.34
CA ILE A 488 -17.60 6.94 5.41
C ILE A 488 -18.96 6.36 5.01
N THR A 489 -19.82 6.14 5.99
CA THR A 489 -21.12 5.50 5.74
C THR A 489 -22.16 6.45 5.15
N LYS A 490 -21.95 7.75 5.30
CA LYS A 490 -22.86 8.74 4.76
C LYS A 490 -22.27 9.44 3.54
N LEU A 491 -21.05 9.06 3.18
CA LEU A 491 -20.32 9.65 2.06
C LEU A 491 -20.21 11.17 2.23
N GLN A 492 -19.76 11.59 3.41
CA GLN A 492 -19.64 13.00 3.73
C GLN A 492 -18.24 13.54 3.42
N PHE A 493 -17.99 13.84 2.15
CA PHE A 493 -16.75 14.48 1.75
C PHE A 493 -17.02 15.55 0.70
N ALA A 494 -16.34 16.69 0.85
CA ALA A 494 -16.54 17.80 -0.07
C ALA A 494 -15.21 18.29 -0.63
N PHE A 495 -15.16 18.42 -1.96
CA PHE A 495 -13.96 18.91 -2.62
C PHE A 495 -13.68 20.36 -2.26
N SER A 496 -12.42 20.75 -2.29
CA SER A 496 -12.03 22.12 -1.98
C SER A 496 -12.56 23.09 -3.04
N ALA A 497 -12.46 24.38 -2.76
CA ALA A 497 -12.91 25.41 -3.70
C ALA A 497 -12.16 25.30 -5.02
N GLY A 498 -10.83 25.37 -4.96
CA GLY A 498 -10.01 25.21 -6.14
C GLY A 498 -9.57 23.77 -6.31
N PHE A 499 -10.41 22.97 -6.96
CA PHE A 499 -10.13 21.55 -7.17
C PHE A 499 -10.31 21.21 -8.64
N PRO A 500 -9.33 20.50 -9.22
CA PRO A 500 -9.39 20.07 -10.62
C PRO A 500 -10.63 19.23 -10.89
N THR A 501 -11.48 19.70 -11.82
CA THR A 501 -12.73 19.02 -12.14
C THR A 501 -12.49 17.65 -12.74
N ILE A 502 -11.44 17.54 -13.54
CA ILE A 502 -11.07 16.28 -14.18
C ILE A 502 -10.83 15.19 -13.15
N ILE A 503 -10.12 15.54 -12.09
CA ILE A 503 -9.86 14.62 -10.99
C ILE A 503 -11.09 14.46 -10.13
N ARG A 504 -11.85 15.54 -9.98
CA ARG A 504 -13.08 15.55 -9.18
C ARG A 504 -14.07 14.50 -9.66
N ASP A 505 -14.24 14.40 -10.98
CA ASP A 505 -15.14 13.41 -11.57
C ASP A 505 -14.65 12.00 -11.24
N LEU A 506 -13.35 11.78 -11.39
CA LEU A 506 -12.72 10.49 -11.11
C LEU A 506 -12.97 10.07 -9.66
N ILE A 507 -12.76 10.99 -8.74
CA ILE A 507 -13.02 10.75 -7.32
C ILE A 507 -14.50 10.42 -7.10
N LYS A 508 -15.37 11.19 -7.75
CA LYS A 508 -16.81 10.99 -7.62
C LYS A 508 -17.26 9.61 -8.10
N LYS A 509 -16.58 9.07 -9.11
CA LYS A 509 -16.93 7.74 -9.60
C LYS A 509 -16.13 6.63 -8.92
N ILE A 510 -15.11 7.00 -8.15
CA ILE A 510 -14.34 6.04 -7.37
C ILE A 510 -14.90 5.89 -5.96
N LEU A 511 -15.03 7.02 -5.25
CA LEU A 511 -15.59 7.01 -3.91
C LEU A 511 -17.11 6.80 -3.94
N VAL A 512 -17.52 5.55 -4.10
CA VAL A 512 -18.93 5.20 -4.17
C VAL A 512 -19.26 4.17 -3.10
N LEU A 513 -20.41 4.33 -2.46
CA LEU A 513 -20.85 3.41 -1.40
C LEU A 513 -20.97 1.98 -1.90
N GLN A 514 -21.72 1.80 -2.99
CA GLN A 514 -21.89 0.47 -3.57
C GLN A 514 -20.67 0.07 -4.38
N PRO A 515 -20.04 -1.06 -4.01
CA PRO A 515 -18.85 -1.56 -4.70
C PRO A 515 -19.18 -2.03 -6.12
N SER A 516 -20.45 -2.37 -6.35
CA SER A 516 -20.89 -2.82 -7.67
C SER A 516 -20.95 -1.64 -8.64
N ARG A 517 -21.34 -0.49 -8.14
CA ARG A 517 -21.43 0.73 -8.95
C ARG A 517 -20.07 1.42 -9.02
N ARG A 518 -19.12 0.91 -8.24
CA ARG A 518 -17.79 1.52 -8.13
C ARG A 518 -16.98 1.33 -9.41
N ALA A 519 -16.17 2.33 -9.75
CA ALA A 519 -15.35 2.28 -10.96
C ALA A 519 -14.22 1.27 -10.83
N THR A 520 -14.12 0.36 -11.80
CA THR A 520 -13.07 -0.65 -11.79
C THR A 520 -11.74 -0.10 -12.31
N ILE A 521 -10.71 -0.93 -12.29
CA ILE A 521 -9.37 -0.52 -12.70
C ILE A 521 -9.26 -0.07 -14.19
N PRO A 522 -9.76 -0.90 -15.14
CA PRO A 522 -9.65 -0.47 -16.53
C PRO A 522 -10.46 0.79 -16.83
N GLU A 523 -11.54 1.00 -16.09
CA GLU A 523 -12.36 2.20 -16.24
C GLU A 523 -11.60 3.44 -15.79
N ILE A 524 -10.80 3.28 -14.73
CA ILE A 524 -9.94 4.36 -14.27
C ILE A 524 -8.83 4.59 -15.29
N GLN A 525 -8.38 3.50 -15.91
CA GLN A 525 -7.36 3.60 -16.96
C GLN A 525 -7.88 4.36 -18.18
N LYS A 526 -9.17 4.21 -18.47
CA LYS A 526 -9.79 4.87 -19.61
C LYS A 526 -10.51 6.15 -19.21
N HIS A 527 -10.01 6.82 -18.18
CA HIS A 527 -10.60 8.07 -17.71
C HIS A 527 -9.95 9.26 -18.42
N TYR A 528 -10.60 10.41 -18.36
CA TYR A 528 -10.09 11.63 -19.00
C TYR A 528 -8.84 12.15 -18.30
N PHE A 529 -8.63 11.70 -17.07
CA PHE A 529 -7.44 12.09 -16.30
C PHE A 529 -6.27 11.18 -16.64
N PHE A 530 -6.56 9.96 -17.07
CA PHE A 530 -5.53 8.99 -17.41
C PHE A 530 -5.51 8.65 -18.91
N GLN A 531 -5.96 9.60 -19.73
CA GLN A 531 -5.87 9.45 -21.17
C GLN A 531 -4.47 9.84 -21.63
N SER A 532 -3.78 10.57 -20.76
CA SER A 532 -2.42 11.02 -21.03
C SER A 532 -1.42 9.94 -20.62
N VAL A 533 -1.92 8.80 -20.20
CA VAL A 533 -1.07 7.71 -19.72
C VAL A 533 -1.36 6.38 -20.41
N ASP A 534 -0.34 5.79 -21.01
CA ASP A 534 -0.44 4.46 -21.59
C ASP A 534 0.07 3.44 -20.58
N PHE A 535 -0.82 2.55 -20.15
CA PHE A 535 -0.46 1.57 -19.12
C PHE A 535 0.18 0.31 -19.69
N LYS A 536 0.58 0.38 -20.96
CA LYS A 536 1.33 -0.70 -21.58
C LYS A 536 2.78 -0.27 -21.74
N ASP A 537 2.99 1.03 -21.85
CA ASP A 537 4.33 1.60 -21.87
C ASP A 537 4.79 1.79 -20.43
N PHE A 538 5.06 0.67 -19.74
CA PHE A 538 5.40 0.72 -18.32
C PHE A 538 6.86 1.12 -18.07
N ASP A 539 7.54 1.56 -19.13
CA ASP A 539 8.84 2.19 -19.00
C ASP A 539 8.59 3.66 -18.70
N SER A 540 7.47 4.17 -19.20
CA SER A 540 7.06 5.55 -18.97
C SER A 540 6.40 5.71 -17.60
N ILE A 541 5.92 4.62 -17.05
CA ILE A 541 5.28 4.64 -15.73
C ILE A 541 6.33 4.63 -14.63
N TRP A 542 7.40 3.88 -14.84
CA TRP A 542 8.40 3.67 -13.80
C TRP A 542 9.73 4.39 -14.04
N LEU A 543 10.27 4.26 -15.24
CA LEU A 543 11.58 4.83 -15.55
C LEU A 543 11.55 6.31 -15.93
N SER A 544 10.36 6.91 -15.90
CA SER A 544 10.23 8.32 -16.23
C SER A 544 10.86 9.22 -15.17
N ASP A 545 11.44 10.33 -15.62
CA ASP A 545 11.99 11.33 -14.73
C ASP A 545 10.85 11.96 -13.94
N PRO A 546 10.88 11.81 -12.60
CA PRO A 546 9.82 12.37 -11.74
C PRO A 546 9.73 13.88 -11.90
N PRO A 547 8.52 14.40 -12.17
CA PRO A 547 8.28 15.83 -12.37
C PRO A 547 8.69 16.65 -11.16
N GLU A 548 8.89 17.96 -11.35
CA GLU A 548 9.30 18.85 -10.27
C GLU A 548 8.28 18.83 -9.14
N ILE A 549 8.65 18.22 -8.02
CA ILE A 549 7.75 18.08 -6.87
C ILE A 549 7.39 19.45 -6.29
N GLY A 550 6.09 19.71 -6.16
CA GLY A 550 5.61 20.96 -5.63
C GLY A 550 4.10 21.02 -5.61
N PRO A 551 3.53 21.99 -4.85
CA PRO A 551 2.08 22.15 -4.73
C PRO A 551 1.49 22.90 -5.92
#